data_6A7T
#
_entry.id   6A7T
#
_cell.length_a   44.301
_cell.length_b   72.602
_cell.length_c   45.078
_cell.angle_alpha   90.00
_cell.angle_beta   95.29
_cell.angle_gamma   90.00
#
_symmetry.space_group_name_H-M   'P 1 21 1'
#
loop_
_entity.id
_entity.type
_entity.pdbx_description
1 polymer 'N-acetylglucosamine-specific lectin'
2 polymer 'N-acetylglucosamine-specific lectin'
3 non-polymer 'CALCIUM ION'
4 water water
#
loop_
_entity_poly.entity_id
_entity_poly.type
_entity_poly.pdbx_seq_one_letter_code
_entity_poly.pdbx_strand_id
1 'polypeptide(L)'
;MLNGPSIIISLFFCFVSGAYACCKCDCQSGWEWFGGSCYLFDETERGWEDSKTFCESQNAALVTVESSEEDDFIRGVISA
QSAFHYYWIGGSWDAEHSEYRWIDGSSISFNGWGPNRPDADEGCMDYLNYKEIVWQWNDHQDCVNTKGPSICETDCSE
;
A
2 'polypeptide(L)'
;MLNGASIIVSLFLCFVGGAYACCSEDDCPSGWKFFGGSCYLFDEGSRGWEGSKAFCESKDASLVTVECSKEDDFIRGILS
GQTAKHYYWIGARWNEEHNDYRWIDGSPFTFIGWGPGKPDNNKGCLDYLNYKEVVWQWNDHVDCENTNGPCICEIDCSD
;
B
#
# COMPACT_ATOMS: atom_id res chain seq x y z
N CYS A 22 4.31 -0.96 -5.69
CA CYS A 22 3.95 0.19 -6.55
C CYS A 22 3.97 1.51 -5.77
N CYS A 23 4.52 2.55 -6.40
CA CYS A 23 4.41 3.90 -5.90
C CYS A 23 2.96 4.36 -6.05
N LYS A 24 2.55 5.28 -5.20
CA LYS A 24 1.18 5.77 -5.20
C LYS A 24 0.71 6.34 -6.55
N CYS A 25 1.63 6.89 -7.35
CA CYS A 25 1.27 7.51 -8.62
C CYS A 25 1.83 6.73 -9.80
N ASP A 26 2.17 5.46 -9.54
CA ASP A 26 2.83 4.56 -10.53
C ASP A 26 1.79 3.84 -11.41
N CYS A 27 0.53 3.86 -11.03
CA CYS A 27 -0.44 2.96 -11.70
C CYS A 27 -0.69 3.41 -13.14
N GLN A 28 -0.90 2.42 -14.02
CA GLN A 28 -1.37 2.63 -15.41
C GLN A 28 -2.71 3.39 -15.40
N SER A 29 -2.99 4.11 -16.49
CA SER A 29 -4.26 4.76 -16.68
C SER A 29 -5.40 3.76 -16.47
N GLY A 30 -6.42 4.12 -15.71
CA GLY A 30 -7.52 3.23 -15.45
C GLY A 30 -7.33 2.31 -14.25
N TRP A 31 -6.11 2.23 -13.70
CA TRP A 31 -5.84 1.44 -12.49
C TRP A 31 -5.93 2.35 -11.26
N GLU A 32 -6.17 1.74 -10.10
CA GLU A 32 -6.27 2.43 -8.81
C GLU A 32 -5.24 1.87 -7.84
N TRP A 33 -4.68 2.74 -6.99
CA TRP A 33 -3.70 2.35 -5.98
C TRP A 33 -4.36 2.15 -4.61
N PHE A 34 -3.92 1.12 -3.92
CA PHE A 34 -4.25 0.91 -2.53
C PHE A 34 -3.20 0.00 -1.92
N GLY A 35 -2.63 0.39 -0.76
CA GLY A 35 -1.93 -0.59 0.07
C GLY A 35 -0.67 -1.18 -0.59
N GLY A 36 -0.05 -0.41 -1.49
CA GLY A 36 1.17 -0.78 -2.15
C GLY A 36 0.96 -1.50 -3.45
N SER A 37 -0.29 -1.65 -3.87
CA SER A 37 -0.60 -2.33 -5.14
C SER A 37 -1.44 -1.44 -6.02
N CYS A 38 -1.39 -1.71 -7.34
CA CYS A 38 -2.29 -1.15 -8.34
C CYS A 38 -3.31 -2.22 -8.75
N TYR A 39 -4.56 -1.78 -8.90
CA TYR A 39 -5.69 -2.64 -9.24
C TYR A 39 -6.40 -2.17 -10.50
N LEU A 40 -6.85 -3.18 -11.29
CA LEU A 40 -7.69 -2.95 -12.45
C LEU A 40 -9.00 -3.69 -12.24
N PHE A 41 -10.10 -2.93 -12.22
CA PHE A 41 -11.45 -3.48 -12.18
C PHE A 41 -11.92 -3.58 -13.63
N ASP A 42 -11.58 -4.70 -14.25
CA ASP A 42 -11.76 -4.82 -15.69
C ASP A 42 -13.18 -5.31 -16.00
N GLU A 43 -13.86 -4.60 -16.91
CA GLU A 43 -15.27 -4.83 -17.14
C GLU A 43 -15.52 -5.72 -18.36
N THR A 44 -14.47 -6.18 -19.00
CA THR A 44 -14.62 -7.15 -20.09
C THR A 44 -14.97 -8.51 -19.47
N GLU A 45 -15.99 -9.17 -20.00
CA GLU A 45 -16.50 -10.40 -19.39
C GLU A 45 -15.80 -11.61 -19.99
N ARG A 46 -15.14 -12.37 -19.12
CA ARG A 46 -14.31 -13.53 -19.48
C ARG A 46 -14.53 -14.62 -18.45
N GLY A 47 -14.35 -15.90 -18.84
CA GLY A 47 -14.33 -16.99 -17.94
C GLY A 47 -13.20 -16.83 -16.94
N TRP A 48 -13.23 -17.57 -15.84
CA TRP A 48 -12.27 -17.35 -14.75
C TRP A 48 -10.85 -17.63 -15.25
N GLU A 49 -10.65 -18.76 -15.92
CA GLU A 49 -9.32 -19.05 -16.48
C GLU A 49 -8.88 -17.96 -17.46
N ASP A 50 -9.76 -17.50 -18.36
CA ASP A 50 -9.37 -16.43 -19.28
C ASP A 50 -9.09 -15.10 -18.53
N SER A 51 -9.76 -14.90 -17.41
CA SER A 51 -9.47 -13.71 -16.55
C SER A 51 -8.08 -13.86 -15.93
N LYS A 52 -7.75 -15.05 -15.46
CA LYS A 52 -6.41 -15.30 -14.90
C LYS A 52 -5.33 -14.97 -15.94
N THR A 53 -5.51 -15.49 -17.16
CA THR A 53 -4.64 -15.24 -18.29
C THR A 53 -4.53 -13.74 -18.58
N PHE A 54 -5.65 -13.07 -18.55
CA PHE A 54 -5.70 -11.67 -18.88
C PHE A 54 -4.90 -10.87 -17.85
N CYS A 55 -5.10 -11.13 -16.57
CA CYS A 55 -4.33 -10.40 -15.58
C CYS A 55 -2.83 -10.64 -15.79
N GLU A 56 -2.42 -11.90 -16.08
CA GLU A 56 -1.02 -12.22 -16.37
C GLU A 56 -0.49 -11.37 -17.53
N SER A 57 -1.31 -11.21 -18.58
CA SER A 57 -0.94 -10.43 -19.77
C SER A 57 -0.67 -8.96 -19.38
N GLN A 58 -1.21 -8.49 -18.24
CA GLN A 58 -1.08 -7.09 -17.74
C GLN A 58 0.04 -6.96 -16.73
N ASN A 59 0.96 -7.92 -16.68
CA ASN A 59 2.00 -7.91 -15.65
C ASN A 59 1.40 -7.83 -14.26
N ALA A 60 0.36 -8.62 -14.06
CA ALA A 60 -0.44 -8.62 -12.86
C ALA A 60 -0.97 -10.05 -12.64
N ALA A 61 -1.91 -10.18 -11.75
CA ALA A 61 -2.58 -11.45 -11.47
C ALA A 61 -3.95 -11.14 -10.90
N LEU A 62 -4.88 -12.11 -11.00
CA LEU A 62 -6.15 -11.91 -10.32
C LEU A 62 -5.89 -11.60 -8.83
N VAL A 63 -6.67 -10.64 -8.29
CA VAL A 63 -6.48 -10.12 -6.96
C VAL A 63 -6.54 -11.20 -5.90
N THR A 64 -5.63 -11.10 -4.92
CA THR A 64 -5.65 -11.98 -3.73
C THR A 64 -5.90 -11.05 -2.53
N VAL A 65 -6.73 -11.52 -1.58
CA VAL A 65 -7.29 -10.61 -0.54
C VAL A 65 -6.84 -11.11 0.83
N GLU A 66 -5.71 -10.55 1.24
CA GLU A 66 -4.96 -11.00 2.42
C GLU A 66 -5.50 -10.39 3.71
N SER A 67 -6.19 -9.24 3.61
CA SER A 67 -6.52 -8.43 4.80
C SER A 67 -7.93 -7.89 4.68
N SER A 68 -8.59 -7.65 5.83
CA SER A 68 -9.93 -6.95 5.84
C SER A 68 -9.83 -5.54 5.24
N GLU A 69 -8.69 -4.85 5.42
CA GLU A 69 -8.44 -3.52 4.87
C GLU A 69 -8.56 -3.59 3.33
N GLU A 70 -7.99 -4.66 2.76
CA GLU A 70 -8.00 -4.78 1.27
C GLU A 70 -9.40 -5.13 0.80
N ASP A 71 -10.05 -5.98 1.58
CA ASP A 71 -11.41 -6.41 1.32
C ASP A 71 -12.30 -5.16 1.25
N ASP A 72 -12.11 -4.25 2.20
CA ASP A 72 -12.93 -3.05 2.29
C ASP A 72 -12.69 -2.18 1.05
N PHE A 73 -11.44 -1.99 0.67
CA PHE A 73 -11.09 -1.23 -0.47
C PHE A 73 -11.85 -1.78 -1.67
N ILE A 74 -11.74 -3.10 -1.91
CA ILE A 74 -12.34 -3.70 -3.10
C ILE A 74 -13.85 -3.47 -3.08
N ARG A 75 -14.47 -3.73 -1.91
CA ARG A 75 -15.90 -3.57 -1.78
C ARG A 75 -16.29 -2.13 -2.11
N GLY A 76 -15.48 -1.17 -1.62
CA GLY A 76 -15.71 0.27 -1.90
C GLY A 76 -15.86 0.59 -3.38
N VAL A 77 -15.04 -0.03 -4.24
CA VAL A 77 -15.10 0.19 -5.66
C VAL A 77 -16.29 -0.56 -6.25
N ILE A 78 -16.41 -1.87 -6.03
CA ILE A 78 -17.40 -2.64 -6.79
C ILE A 78 -18.84 -2.31 -6.33
N SER A 79 -19.04 -1.95 -5.07
CA SER A 79 -20.38 -1.62 -4.52
C SER A 79 -20.89 -0.29 -5.07
N ALA A 80 -20.01 0.51 -5.66
CA ALA A 80 -20.39 1.88 -6.18
C ALA A 80 -20.95 1.82 -7.61
N GLN A 81 -20.98 0.64 -8.24
CA GLN A 81 -21.58 0.42 -9.53
C GLN A 81 -22.69 -0.62 -9.35
N SER A 82 -23.56 -0.75 -10.36
CA SER A 82 -24.64 -1.76 -10.32
C SER A 82 -24.85 -2.48 -11.67
N ALA A 83 -23.94 -2.35 -12.63
CA ALA A 83 -24.02 -3.11 -13.90
C ALA A 83 -23.69 -4.58 -13.63
N PHE A 84 -22.70 -4.81 -12.76
CA PHE A 84 -22.19 -6.15 -12.53
C PHE A 84 -22.48 -6.60 -11.10
N HIS A 85 -22.84 -7.89 -10.93
CA HIS A 85 -23.19 -8.44 -9.62
C HIS A 85 -22.13 -9.42 -9.11
N TYR A 86 -21.10 -9.71 -9.93
CA TYR A 86 -19.98 -10.53 -9.46
C TYR A 86 -18.73 -10.16 -10.26
N TYR A 87 -17.58 -10.34 -9.62
CA TYR A 87 -16.26 -10.15 -10.22
C TYR A 87 -15.39 -11.35 -9.87
N TRP A 88 -14.68 -11.89 -10.86
CA TRP A 88 -13.69 -12.96 -10.55
C TRP A 88 -12.50 -12.42 -9.77
N ILE A 89 -12.00 -13.25 -8.84
CA ILE A 89 -10.80 -12.95 -8.05
C ILE A 89 -9.88 -14.18 -8.04
N GLY A 90 -8.70 -13.96 -7.53
CA GLY A 90 -7.57 -14.88 -7.63
C GLY A 90 -7.58 -15.95 -6.55
N GLY A 91 -8.72 -16.63 -6.40
CA GLY A 91 -8.80 -17.81 -5.50
C GLY A 91 -9.54 -18.94 -6.16
N SER A 92 -9.16 -20.17 -5.80
CA SER A 92 -9.68 -21.33 -6.45
C SER A 92 -9.28 -22.55 -5.61
N TRP A 93 -9.89 -23.65 -5.96
CA TRP A 93 -9.68 -24.92 -5.33
C TRP A 93 -8.30 -25.45 -5.68
N ASP A 94 -7.56 -25.76 -4.63
CA ASP A 94 -6.25 -26.39 -4.76
C ASP A 94 -6.41 -27.87 -4.42
N ALA A 95 -6.20 -28.75 -5.39
CA ALA A 95 -6.54 -30.14 -5.24
C ALA A 95 -5.58 -30.78 -4.23
N GLU A 96 -4.29 -30.42 -4.28
CA GLU A 96 -3.33 -31.05 -3.35
C GLU A 96 -3.70 -30.72 -1.89
N HIS A 97 -4.00 -29.44 -1.60
CA HIS A 97 -4.33 -29.02 -0.24
C HIS A 97 -5.76 -29.42 0.10
N SER A 98 -6.62 -29.61 -0.91
CA SER A 98 -8.04 -29.94 -0.76
C SER A 98 -8.75 -28.79 -0.03
N GLU A 99 -8.52 -27.57 -0.51
CA GLU A 99 -9.21 -26.45 -0.02
C GLU A 99 -9.02 -25.28 -0.98
N TYR A 100 -9.74 -24.20 -0.74
CA TYR A 100 -9.53 -22.98 -1.48
C TYR A 100 -8.21 -22.31 -1.03
N ARG A 101 -7.44 -21.86 -2.03
CA ARG A 101 -6.20 -21.14 -1.87
C ARG A 101 -6.16 -19.96 -2.87
N TRP A 102 -5.41 -18.95 -2.51
CA TRP A 102 -5.11 -17.88 -3.46
C TRP A 102 -4.23 -18.45 -4.56
N ILE A 103 -4.25 -17.80 -5.72
CA ILE A 103 -3.57 -18.38 -6.89
C ILE A 103 -2.04 -18.31 -6.78
N ASP A 104 -1.48 -17.54 -5.85
CA ASP A 104 -0.05 -17.66 -5.53
C ASP A 104 0.26 -18.88 -4.63
N GLY A 105 -0.75 -19.68 -4.33
CA GLY A 105 -0.64 -20.90 -3.51
C GLY A 105 -0.93 -20.69 -2.02
N SER A 106 -1.07 -19.43 -1.58
CA SER A 106 -1.14 -19.08 -0.15
C SER A 106 -2.52 -19.40 0.44
N SER A 107 -2.54 -19.66 1.76
CA SER A 107 -3.80 -19.98 2.48
C SER A 107 -4.65 -18.71 2.60
N ILE A 108 -5.96 -18.91 2.62
CA ILE A 108 -6.95 -17.84 2.75
C ILE A 108 -7.13 -17.58 4.26
N SER A 109 -6.28 -16.70 4.78
CA SER A 109 -6.19 -16.33 6.22
C SER A 109 -7.35 -15.44 6.67
N PHE A 110 -7.84 -14.59 5.77
CA PHE A 110 -8.92 -13.66 6.08
C PHE A 110 -10.23 -14.26 5.57
N ASN A 111 -11.26 -14.33 6.42
CA ASN A 111 -12.54 -14.96 6.03
C ASN A 111 -13.51 -13.91 5.43
N GLY A 112 -13.44 -13.74 4.11
CA GLY A 112 -14.37 -12.89 3.39
C GLY A 112 -15.47 -13.64 2.69
N TRP A 113 -15.71 -14.91 3.04
CA TRP A 113 -16.74 -15.66 2.40
C TRP A 113 -18.11 -15.12 2.78
N GLY A 114 -19.08 -15.22 1.87
CA GLY A 114 -20.48 -14.94 2.17
C GLY A 114 -21.04 -16.05 3.02
N PRO A 115 -22.22 -15.84 3.64
CA PRO A 115 -22.72 -16.85 4.57
C PRO A 115 -22.85 -18.22 3.88
N ASN A 116 -22.44 -19.29 4.57
CA ASN A 116 -22.62 -20.68 4.12
C ASN A 116 -21.92 -20.93 2.78
N ARG A 117 -20.78 -20.27 2.65
CA ARG A 117 -19.85 -20.36 1.51
C ARG A 117 -18.45 -20.61 2.08
N PRO A 118 -17.66 -21.44 1.36
CA PRO A 118 -18.05 -22.04 0.11
C PRO A 118 -19.12 -23.15 0.19
N ASP A 119 -20.04 -23.16 -0.77
CA ASP A 119 -21.06 -24.17 -0.77
C ASP A 119 -20.51 -25.54 -1.19
N ALA A 120 -19.50 -25.55 -2.06
CA ALA A 120 -19.01 -26.80 -2.70
C ALA A 120 -17.51 -26.69 -3.01
N ASP A 121 -16.85 -27.84 -3.14
CA ASP A 121 -15.44 -27.89 -3.51
C ASP A 121 -15.30 -27.60 -5.00
N GLU A 122 -14.03 -27.48 -5.45
CA GLU A 122 -13.66 -27.61 -6.86
C GLU A 122 -14.12 -26.41 -7.67
N GLY A 123 -14.20 -25.27 -7.01
CA GLY A 123 -14.63 -24.08 -7.72
C GLY A 123 -13.58 -22.99 -7.83
N CYS A 124 -14.02 -21.87 -8.41
CA CYS A 124 -13.24 -20.63 -8.42
CA CYS A 124 -13.22 -20.63 -8.38
C CYS A 124 -14.02 -19.54 -7.72
N MET A 125 -13.31 -18.50 -7.25
CA MET A 125 -13.94 -17.52 -6.38
C MET A 125 -14.26 -16.21 -7.12
N ASP A 126 -15.33 -15.60 -6.62
CA ASP A 126 -15.73 -14.25 -6.99
C ASP A 126 -16.11 -13.45 -5.75
N TYR A 127 -16.20 -12.12 -5.90
CA TYR A 127 -17.08 -11.27 -5.07
C TYR A 127 -18.44 -11.37 -5.73
N LEU A 128 -19.50 -11.57 -4.95
CA LEU A 128 -20.85 -11.64 -5.46
C LEU A 128 -21.74 -10.72 -4.63
N ASN A 129 -22.70 -10.11 -5.32
CA ASN A 129 -23.79 -9.36 -4.67
C ASN A 129 -25.11 -9.97 -5.09
N TYR A 130 -25.62 -10.88 -4.26
CA TYR A 130 -26.87 -11.55 -4.56
C TYR A 130 -27.46 -12.15 -3.27
N LYS A 131 -28.69 -11.70 -2.97
CA LYS A 131 -29.41 -12.09 -1.77
C LYS A 131 -28.53 -11.84 -0.52
N GLU A 132 -28.28 -12.91 0.26
CA GLU A 132 -27.58 -12.87 1.56
C GLU A 132 -26.06 -12.56 1.42
N ILE A 133 -25.51 -12.74 0.21
CA ILE A 133 -24.09 -12.47 -0.05
C ILE A 133 -24.00 -11.01 -0.54
N VAL A 134 -23.43 -10.15 0.30
CA VAL A 134 -23.39 -8.70 0.05
C VAL A 134 -21.95 -8.27 -0.24
N TRP A 135 -21.52 -8.42 -1.50
CA TRP A 135 -20.16 -8.15 -1.89
C TRP A 135 -19.18 -8.92 -0.98
N GLN A 136 -19.37 -10.25 -1.00
CA GLN A 136 -18.54 -11.20 -0.26
C GLN A 136 -18.21 -12.34 -1.24
N TRP A 137 -17.35 -13.24 -0.80
CA TRP A 137 -16.89 -14.27 -1.74
C TRP A 137 -17.90 -15.42 -1.91
N ASN A 138 -18.04 -15.94 -3.14
CA ASN A 138 -18.85 -17.10 -3.48
C ASN A 138 -18.00 -18.04 -4.35
N ASP A 139 -18.27 -19.33 -4.29
CA ASP A 139 -17.60 -20.38 -5.09
C ASP A 139 -18.49 -20.76 -6.25
N HIS A 140 -17.96 -20.74 -7.49
CA HIS A 140 -18.64 -21.08 -8.68
C HIS A 140 -17.90 -22.26 -9.32
N GLN A 141 -18.63 -23.29 -9.74
CA GLN A 141 -17.98 -24.53 -10.14
C GLN A 141 -17.62 -24.57 -11.63
N ASP A 142 -17.93 -23.54 -12.40
CA ASP A 142 -17.50 -23.48 -13.77
C ASP A 142 -16.44 -22.39 -13.95
N CYS A 143 -15.19 -22.83 -13.99
CA CYS A 143 -14.03 -21.91 -14.01
C CYS A 143 -13.62 -21.58 -15.44
N VAL A 144 -14.40 -22.01 -16.44
CA VAL A 144 -14.05 -21.85 -17.81
C VAL A 144 -15.07 -20.98 -18.55
N ASN A 145 -16.35 -21.36 -18.49
CA ASN A 145 -17.33 -20.86 -19.44
C ASN A 145 -18.35 -19.88 -18.83
N THR A 146 -18.12 -19.38 -17.63
CA THR A 146 -18.97 -18.38 -17.04
C THR A 146 -18.25 -17.03 -17.08
N LYS A 147 -18.79 -16.10 -17.86
CA LYS A 147 -18.02 -14.93 -18.30
C LYS A 147 -18.43 -13.75 -17.43
N GLY A 148 -17.48 -13.15 -16.70
CA GLY A 148 -17.74 -11.99 -15.91
C GLY A 148 -16.53 -11.07 -15.88
N PRO A 149 -16.68 -9.89 -15.25
CA PRO A 149 -15.57 -8.94 -15.10
C PRO A 149 -14.63 -9.55 -14.07
N SER A 150 -13.50 -8.90 -13.86
CA SER A 150 -12.46 -9.47 -12.96
C SER A 150 -11.64 -8.32 -12.40
N ILE A 151 -10.86 -8.66 -11.39
CA ILE A 151 -10.01 -7.66 -10.67
C ILE A 151 -8.55 -8.15 -10.71
N CYS A 152 -7.68 -7.34 -11.32
CA CYS A 152 -6.24 -7.66 -11.40
C CYS A 152 -5.50 -6.82 -10.35
N GLU A 153 -4.46 -7.41 -9.75
CA GLU A 153 -3.62 -6.75 -8.76
C GLU A 153 -2.16 -6.84 -9.24
N THR A 154 -1.40 -5.74 -9.16
CA THR A 154 0.05 -5.80 -9.40
C THR A 154 0.76 -5.10 -8.23
N ASP A 155 1.97 -5.58 -7.92
CA ASP A 155 2.79 -4.88 -6.91
C ASP A 155 4.01 -4.24 -7.59
N CYS A 156 4.00 -4.23 -8.92
CA CYS A 156 5.02 -3.53 -9.73
C CYS A 156 6.43 -4.08 -9.46
N SER A 157 6.56 -5.34 -9.03
CA SER A 157 7.90 -5.87 -8.74
C SER A 157 8.62 -6.21 -10.07
N GLU A 158 9.94 -5.89 -10.12
CA GLU A 158 10.88 -6.10 -11.25
C GLU A 158 10.11 -6.19 -12.58
N CYS B 22 -2.27 12.62 -6.36
CA CYS B 22 -1.09 12.80 -7.26
C CYS B 22 -1.00 14.27 -7.71
N CYS B 23 -0.02 14.98 -7.15
CA CYS B 23 0.27 16.38 -7.46
C CYS B 23 0.95 16.51 -8.83
N SER B 24 0.69 17.64 -9.51
CA SER B 24 1.56 18.08 -10.59
C SER B 24 2.62 19.04 -10.02
N GLU B 25 3.71 19.25 -10.78
CA GLU B 25 4.79 20.19 -10.43
C GLU B 25 4.27 21.56 -10.01
N ASP B 26 3.18 22.03 -10.63
CA ASP B 26 2.62 23.36 -10.39
C ASP B 26 1.81 23.37 -9.09
N ASP B 27 1.65 22.21 -8.46
CA ASP B 27 0.99 22.17 -7.18
C ASP B 27 2.00 22.50 -6.07
N CYS B 28 3.30 22.41 -6.39
CA CYS B 28 4.33 22.49 -5.39
C CYS B 28 4.57 23.96 -5.05
N PRO B 29 4.46 24.35 -3.76
CA PRO B 29 4.88 25.68 -3.31
C PRO B 29 6.35 25.96 -3.64
N SER B 30 6.74 27.24 -3.66
CA SER B 30 8.11 27.62 -3.96
C SER B 30 9.04 27.02 -2.88
N GLY B 31 10.22 26.54 -3.29
CA GLY B 31 11.18 25.90 -2.38
C GLY B 31 10.86 24.44 -2.09
N TRP B 32 9.79 23.91 -2.69
CA TRP B 32 9.45 22.48 -2.60
C TRP B 32 9.88 21.77 -3.88
N LYS B 33 10.32 20.53 -3.73
CA LYS B 33 10.81 19.73 -4.81
C LYS B 33 9.73 18.74 -5.24
N PHE B 34 9.58 18.55 -6.55
CA PHE B 34 8.65 17.62 -7.13
C PHE B 34 9.32 16.26 -7.41
N PHE B 35 8.65 15.18 -7.01
CA PHE B 35 9.01 13.81 -7.42
C PHE B 35 7.78 12.91 -7.33
N GLY B 36 7.52 12.11 -8.38
CA GLY B 36 6.53 11.03 -8.30
C GLY B 36 5.17 11.42 -7.71
N GLY B 37 4.62 12.54 -8.18
CA GLY B 37 3.28 12.96 -7.81
C GLY B 37 3.18 13.60 -6.42
N SER B 38 4.34 13.89 -5.81
CA SER B 38 4.41 14.52 -4.51
C SER B 38 5.32 15.73 -4.55
N CYS B 39 5.03 16.65 -3.64
CA CYS B 39 5.89 17.78 -3.39
C CYS B 39 6.54 17.58 -2.02
N TYR B 40 7.82 17.93 -1.89
CA TYR B 40 8.59 17.66 -0.68
C TYR B 40 9.29 18.93 -0.19
N LEU B 41 9.32 19.10 1.14
CA LEU B 41 10.10 20.22 1.74
C LEU B 41 11.14 19.58 2.63
N PHE B 42 12.43 19.82 2.32
CA PHE B 42 13.54 19.38 3.13
C PHE B 42 13.86 20.55 4.06
N ASP B 43 13.18 20.59 5.20
CA ASP B 43 13.26 21.79 6.05
C ASP B 43 14.42 21.66 7.06
N GLU B 44 15.23 22.71 7.15
CA GLU B 44 16.43 22.71 7.99
C GLU B 44 16.22 23.39 9.35
N GLY B 45 14.99 23.71 9.72
CA GLY B 45 14.74 24.17 11.05
C GLY B 45 14.99 23.08 12.05
N SER B 46 15.00 23.44 13.33
CA SER B 46 15.50 22.59 14.36
C SER B 46 14.38 22.28 15.34
N ARG B 47 13.75 21.12 15.12
CA ARG B 47 12.58 20.73 15.89
C ARG B 47 12.72 19.27 16.36
N GLY B 48 12.07 18.97 17.49
CA GLY B 48 11.83 17.64 17.86
C GLY B 48 10.89 16.98 16.86
N TRP B 49 10.73 15.68 17.01
CA TRP B 49 9.85 14.93 16.07
C TRP B 49 8.42 15.47 16.14
N GLU B 50 7.88 15.67 17.36
CA GLU B 50 6.53 16.20 17.51
C GLU B 50 6.45 17.59 16.91
N GLY B 51 7.49 18.41 17.11
CA GLY B 51 7.45 19.75 16.57
C GLY B 51 7.48 19.73 15.05
N SER B 52 8.16 18.72 14.48
CA SER B 52 8.29 18.56 13.08
C SER B 52 6.94 18.12 12.49
N LYS B 53 6.27 17.21 13.18
CA LYS B 53 4.90 16.80 12.78
C LYS B 53 3.99 18.02 12.69
N ALA B 54 4.00 18.83 13.76
CA ALA B 54 3.19 20.09 13.74
C ALA B 54 3.61 21.05 12.64
N PHE B 55 4.93 21.23 12.42
CA PHE B 55 5.42 22.08 11.38
C PHE B 55 4.83 21.66 10.02
N CYS B 56 4.90 20.38 9.70
CA CYS B 56 4.44 19.97 8.38
C CYS B 56 2.93 20.25 8.27
N GLU B 57 2.22 20.03 9.36
CA GLU B 57 0.73 20.34 9.39
C GLU B 57 0.48 21.84 9.12
N SER B 58 1.36 22.72 9.63
CA SER B 58 1.28 24.18 9.43
C SER B 58 1.41 24.58 7.96
N LYS B 59 1.98 23.70 7.12
CA LYS B 59 2.16 23.93 5.68
C LYS B 59 1.14 23.13 4.84
N ASP B 60 0.09 22.66 5.50
CA ASP B 60 -0.97 21.86 4.85
C ASP B 60 -0.34 20.62 4.22
N ALA B 61 0.60 20.05 4.98
CA ALA B 61 1.38 18.89 4.58
C ALA B 61 1.46 17.88 5.74
N SER B 62 2.28 16.85 5.55
CA SER B 62 2.51 15.85 6.54
C SER B 62 4.01 15.49 6.52
N LEU B 63 4.57 15.05 7.64
CA LEU B 63 5.86 14.40 7.54
C LEU B 63 5.78 13.28 6.50
N VAL B 64 6.87 13.09 5.75
CA VAL B 64 6.89 12.25 4.57
C VAL B 64 6.60 10.81 4.96
N THR B 65 5.82 10.13 4.08
CA THR B 65 5.55 8.70 4.15
C THR B 65 6.13 8.09 2.88
N VAL B 66 6.79 6.95 3.00
CA VAL B 66 7.58 6.44 1.89
C VAL B 66 7.02 5.09 1.43
N GLU B 67 6.28 5.10 0.31
CA GLU B 67 5.46 3.95 -0.08
C GLU B 67 6.24 3.02 -1.01
N CYS B 68 7.36 3.45 -1.56
CA CYS B 68 8.06 2.62 -2.53
C CYS B 68 9.54 2.94 -2.59
N SER B 69 10.27 2.02 -3.22
CA SER B 69 11.74 2.15 -3.35
C SER B 69 12.16 3.34 -4.21
N LYS B 70 11.35 3.74 -5.22
CA LYS B 70 11.69 4.88 -6.01
C LYS B 70 11.67 6.17 -5.18
N GLU B 71 10.69 6.29 -4.28
CA GLU B 71 10.54 7.48 -3.45
C GLU B 71 11.72 7.50 -2.43
N ASP B 72 11.98 6.32 -1.86
CA ASP B 72 13.12 6.15 -0.94
C ASP B 72 14.40 6.59 -1.66
N ASP B 73 14.56 6.18 -2.94
CA ASP B 73 15.77 6.57 -3.70
C ASP B 73 15.86 8.09 -3.95
N PHE B 74 14.74 8.71 -4.30
CA PHE B 74 14.69 10.13 -4.51
C PHE B 74 15.14 10.83 -3.23
N ILE B 75 14.63 10.39 -2.09
CA ILE B 75 14.94 11.08 -0.82
C ILE B 75 16.45 10.93 -0.58
N ARG B 76 16.97 9.71 -0.71
CA ARG B 76 18.41 9.44 -0.51
C ARG B 76 19.26 10.33 -1.41
N GLY B 77 18.83 10.51 -2.66
CA GLY B 77 19.54 11.42 -3.60
C GLY B 77 19.69 12.83 -3.06
N ILE B 78 18.63 13.37 -2.46
CA ILE B 78 18.65 14.71 -1.91
C ILE B 78 19.54 14.73 -0.67
N LEU B 79 19.31 13.77 0.26
CA LEU B 79 20.02 13.80 1.56
C LEU B 79 21.53 13.58 1.38
N SER B 80 21.91 12.75 0.38
CA SER B 80 23.31 12.49 0.15
CA SER B 80 23.29 12.44 0.01
C SER B 80 23.97 13.66 -0.62
N GLY B 81 23.17 14.59 -1.12
CA GLY B 81 23.66 15.78 -1.85
C GLY B 81 24.13 16.91 -0.93
N GLN B 82 23.97 16.78 0.40
CA GLN B 82 24.44 17.76 1.40
C GLN B 82 25.25 16.98 2.43
N THR B 83 26.04 17.65 3.30
CA THR B 83 26.78 16.96 4.32
C THR B 83 26.67 17.60 5.69
N ALA B 84 25.90 18.68 5.82
CA ALA B 84 25.75 19.38 7.10
C ALA B 84 24.93 18.55 8.10
N LYS B 85 23.87 17.88 7.59
CA LYS B 85 22.95 17.08 8.42
C LYS B 85 23.16 15.57 8.22
N HIS B 86 23.01 14.79 9.31
CA HIS B 86 23.09 13.34 9.21
C HIS B 86 21.81 12.62 9.64
N TYR B 87 20.74 13.34 9.94
CA TYR B 87 19.39 12.70 10.18
C TYR B 87 18.29 13.73 9.90
N TYR B 88 17.11 13.22 9.42
CA TYR B 88 15.92 14.01 9.13
C TYR B 88 14.68 13.23 9.62
N TRP B 89 13.82 13.88 10.39
CA TRP B 89 12.55 13.26 10.83
C TRP B 89 11.63 12.97 9.64
N ILE B 90 10.97 11.81 9.74
CA ILE B 90 9.93 11.38 8.77
C ILE B 90 8.65 10.94 9.52
N GLY B 91 7.61 10.62 8.72
CA GLY B 91 6.26 10.54 9.28
C GLY B 91 5.89 9.15 9.79
N ALA B 92 6.71 8.56 10.63
CA ALA B 92 6.34 7.30 11.23
C ALA B 92 6.76 7.34 12.69
N ARG B 93 5.93 6.74 13.54
CA ARG B 93 6.28 6.51 14.91
C ARG B 93 5.53 5.28 15.43
N TRP B 94 5.97 4.84 16.60
CA TRP B 94 5.30 3.79 17.36
C TRP B 94 3.91 4.20 17.77
N ASN B 95 2.96 3.29 17.64
CA ASN B 95 1.59 3.54 18.18
C ASN B 95 1.24 2.31 19.02
N GLU B 96 0.85 2.58 20.26
CA GLU B 96 0.64 1.51 21.23
C GLU B 96 -0.64 0.74 20.83
N GLU B 97 -1.71 1.45 20.44
CA GLU B 97 -2.92 0.67 20.06
C GLU B 97 -2.65 -0.17 18.81
N HIS B 98 -1.96 0.40 17.79
CA HIS B 98 -1.54 -0.39 16.62
C HIS B 98 -0.56 -1.50 17.04
N ASN B 99 0.20 -1.22 18.12
CA ASN B 99 1.26 -2.08 18.65
C ASN B 99 2.27 -2.36 17.53
N ASP B 100 2.61 -1.29 16.78
CA ASP B 100 3.63 -1.42 15.75
C ASP B 100 4.14 -0.04 15.32
N TYR B 101 5.16 -0.09 14.47
CA TYR B 101 5.64 1.08 13.70
C TYR B 101 4.90 1.17 12.37
N ARG B 102 4.30 2.32 12.11
CA ARG B 102 3.70 2.57 10.82
C ARG B 102 3.64 4.07 10.58
N TRP B 103 3.09 4.47 9.43
CA TRP B 103 3.00 5.83 9.07
C TRP B 103 1.94 6.52 9.93
N ILE B 104 2.07 7.84 10.07
CA ILE B 104 1.26 8.60 11.02
C ILE B 104 -0.19 8.73 10.55
N ASP B 105 -0.46 8.36 9.29
CA ASP B 105 -1.81 8.32 8.75
C ASP B 105 -2.49 7.01 9.14
N GLY B 106 -1.78 6.13 9.83
CA GLY B 106 -2.34 4.84 10.22
C GLY B 106 -2.08 3.75 9.20
N SER B 107 -1.44 4.06 8.05
CA SER B 107 -1.18 3.07 7.03
C SER B 107 0.04 2.24 7.41
N PRO B 108 0.00 0.90 7.31
CA PRO B 108 1.19 0.07 7.51
C PRO B 108 2.27 0.30 6.45
N PHE B 109 3.50 -0.01 6.81
CA PHE B 109 4.56 0.04 5.86
C PHE B 109 4.24 -0.90 4.71
N THR B 110 4.63 -0.45 3.50
CA THR B 110 4.67 -1.25 2.30
C THR B 110 6.13 -1.52 2.00
N PHE B 111 6.81 -0.53 1.42
CA PHE B 111 8.25 -0.53 1.32
C PHE B 111 8.83 -0.51 2.73
N ILE B 112 9.87 -1.34 2.97
CA ILE B 112 10.54 -1.42 4.24
C ILE B 112 11.94 -0.84 4.05
N GLY B 113 12.21 0.26 4.76
CA GLY B 113 13.42 1.03 4.53
C GLY B 113 14.37 1.09 5.73
N TRP B 114 14.16 0.26 6.73
CA TRP B 114 15.07 0.21 7.92
C TRP B 114 16.52 -0.02 7.50
N GLY B 115 17.43 0.66 8.21
CA GLY B 115 18.83 0.44 8.02
C GLY B 115 19.19 -0.94 8.56
N PRO B 116 20.34 -1.51 8.16
CA PRO B 116 20.84 -2.73 8.83
C PRO B 116 20.89 -2.65 10.36
N GLY B 117 20.37 -3.68 11.00
CA GLY B 117 20.35 -3.72 12.42
C GLY B 117 19.17 -2.98 13.04
N LYS B 118 18.37 -2.28 12.22
CA LYS B 118 17.23 -1.51 12.75
C LYS B 118 15.93 -2.22 12.36
N PRO B 119 14.85 -2.02 13.13
CA PRO B 119 14.79 -1.12 14.27
C PRO B 119 15.36 -1.63 15.61
N ASP B 120 15.65 -0.71 16.54
CA ASP B 120 15.99 -1.06 17.94
C ASP B 120 14.76 -1.46 18.76
N ASN B 121 13.56 -1.07 18.29
CA ASN B 121 12.26 -1.36 18.97
C ASN B 121 12.23 -0.62 20.29
N ASN B 122 12.36 0.70 20.20
CA ASN B 122 12.47 1.54 21.35
C ASN B 122 11.17 2.33 21.51
N LYS B 123 10.12 1.89 20.78
CA LYS B 123 8.85 2.60 20.75
C LYS B 123 9.04 4.08 20.45
N GLY B 124 9.89 4.34 19.47
CA GLY B 124 10.23 5.69 19.19
C GLY B 124 9.63 6.28 17.92
N CYS B 125 10.36 7.26 17.37
CA CYS B 125 9.99 7.99 16.16
CA CYS B 125 9.96 7.90 16.13
C CYS B 125 11.06 7.78 15.09
N LEU B 126 10.66 7.81 13.82
CA LEU B 126 11.57 7.48 12.74
C LEU B 126 12.21 8.75 12.11
N ASP B 127 13.44 8.55 11.66
CA ASP B 127 14.21 9.44 10.80
C ASP B 127 14.84 8.66 9.67
N TYR B 128 15.37 9.37 8.67
CA TYR B 128 16.43 8.86 7.81
C TYR B 128 17.74 9.22 8.53
N LEU B 129 18.65 8.25 8.62
CA LEU B 129 19.92 8.45 9.34
C LEU B 129 21.07 8.13 8.41
N ASN B 130 22.19 8.86 8.58
CA ASN B 130 23.43 8.52 7.92
C ASN B 130 24.51 8.34 9.00
N TYR B 131 24.80 7.07 9.31
CA TYR B 131 25.77 6.71 10.33
C TYR B 131 26.17 5.24 10.14
N LYS B 132 27.48 5.04 9.96
CA LYS B 132 28.08 3.69 9.79
C LYS B 132 27.26 2.90 8.76
N GLU B 133 26.69 1.75 9.15
CA GLU B 133 26.06 0.85 8.17
C GLU B 133 24.63 1.32 7.82
N VAL B 134 24.13 2.36 8.51
CA VAL B 134 22.84 2.98 8.12
C VAL B 134 23.13 4.13 7.14
N VAL B 135 23.00 3.84 5.85
CA VAL B 135 23.43 4.73 4.80
C VAL B 135 22.21 5.45 4.21
N TRP B 136 21.77 6.50 4.89
CA TRP B 136 20.53 7.20 4.60
C TRP B 136 19.39 6.16 4.51
N GLN B 137 19.17 5.46 5.62
CA GLN B 137 18.06 4.52 5.82
C GLN B 137 17.35 4.82 7.12
N TRP B 138 16.27 4.08 7.42
CA TRP B 138 15.43 4.47 8.56
C TRP B 138 16.08 4.03 9.87
N ASN B 139 15.87 4.83 10.90
CA ASN B 139 16.16 4.52 12.28
C ASN B 139 15.03 4.96 13.18
N ASP B 140 14.90 4.29 14.35
CA ASP B 140 13.97 4.63 15.36
C ASP B 140 14.71 5.31 16.51
N HIS B 141 14.19 6.44 16.94
CA HIS B 141 14.79 7.24 18.02
C HIS B 141 13.78 7.38 19.18
N VAL B 142 14.23 7.18 20.44
CA VAL B 142 13.36 7.12 21.62
CA VAL B 142 13.33 7.12 21.60
C VAL B 142 12.71 8.48 21.88
N ASP B 143 13.49 9.55 21.72
CA ASP B 143 13.08 10.86 22.11
C ASP B 143 12.40 11.57 20.93
N CYS B 144 11.08 11.66 21.03
CA CYS B 144 10.21 12.21 20.03
C CYS B 144 9.89 13.66 20.32
N GLU B 145 10.46 14.22 21.41
CA GLU B 145 10.19 15.58 21.72
C GLU B 145 11.44 16.46 21.70
N ASN B 146 12.56 15.96 22.24
CA ASN B 146 13.68 16.84 22.62
C ASN B 146 14.96 16.65 21.80
N THR B 147 14.96 15.77 20.82
CA THR B 147 16.07 15.65 19.95
C THR B 147 15.79 16.50 18.72
N ASN B 148 16.51 17.62 18.59
CA ASN B 148 16.15 18.59 17.60
C ASN B 148 16.85 18.27 16.29
N GLY B 149 16.09 18.29 15.18
CA GLY B 149 16.66 18.08 13.89
C GLY B 149 15.81 18.65 12.79
N PRO B 150 16.26 18.51 11.54
CA PRO B 150 15.50 18.90 10.37
C PRO B 150 14.49 17.79 10.07
N CYS B 151 13.64 18.06 9.08
CA CYS B 151 12.57 17.09 8.75
C CYS B 151 12.23 17.16 7.27
N ILE B 152 11.43 16.19 6.80
CA ILE B 152 10.92 16.18 5.42
C ILE B 152 9.39 16.21 5.44
N CYS B 153 8.82 17.25 4.88
CA CYS B 153 7.39 17.33 4.68
C CYS B 153 7.02 16.91 3.25
N GLU B 154 5.80 16.42 3.12
CA GLU B 154 5.25 15.87 1.85
C GLU B 154 3.81 16.36 1.68
N ILE B 155 3.52 16.88 0.48
CA ILE B 155 2.15 17.09 -0.03
C ILE B 155 1.95 16.07 -1.15
N ASP B 156 0.94 15.18 -1.02
CA ASP B 156 0.78 14.13 -2.04
C ASP B 156 -0.58 14.25 -2.76
N CYS B 157 -1.38 15.28 -2.43
CA CYS B 157 -2.65 15.56 -3.15
C CYS B 157 -3.49 14.28 -3.27
N SER B 158 -3.46 13.43 -2.23
CA SER B 158 -4.25 12.22 -2.17
C SER B 158 -5.65 12.54 -1.63
N ASP B 159 -6.52 11.52 -1.62
CA ASP B 159 -7.93 11.66 -1.22
C ASP B 159 -8.00 12.00 0.27
#